data_4U9V
#
_entry.id   4U9V
#
_cell.length_a   88.256
_cell.length_b   44.064
_cell.length_c   50.356
_cell.angle_alpha   90.000
_cell.angle_beta   95.440
_cell.angle_gamma   90.000
#
_symmetry.space_group_name_H-M   'C 1 2 1'
#
loop_
_entity.id
_entity.type
_entity.pdbx_description
1 polymer 'N-alpha-acetyltransferase 40'
2 non-polymer 'ACETYL COENZYME *A'
3 water water
#
_entity_poly.entity_id   1
_entity_poly.type   'polypeptide(L)'
_entity_poly.pdbx_seq_one_letter_code
;SVCAKVDAANRLGDPLEAFPVFKKYDRNGLNVSIECKRVSGLEPATVDWAFDLTKTNMQTMYEQSEWGWKDREKREEMTD
DRAWYLIAWENSSVPVAFSHFRFDVECGDEVLYCYEVQLESKVRRKGLGKFLIQILQLMANSTQMKKVMLTVFKHNHGAY
QFFREALQFEIDDSSPSMSGCCGEDCSYEILSRRTKF
;
_entity_poly.pdbx_strand_id   B
#
# COMPACT_ATOMS: atom_id res chain seq x y z
N SER A 1 -16.15 -4.03 -18.79
CA SER A 1 -16.63 -4.56 -17.53
C SER A 1 -15.61 -4.36 -16.40
N VAL A 2 -16.01 -4.75 -15.19
CA VAL A 2 -15.13 -4.66 -14.04
C VAL A 2 -13.94 -5.61 -14.20
N CYS A 3 -14.23 -6.88 -14.51
CA CYS A 3 -13.25 -7.92 -14.88
C CYS A 3 -12.19 -7.35 -15.83
N ALA A 4 -12.67 -6.71 -16.90
CA ALA A 4 -11.81 -6.27 -17.98
C ALA A 4 -10.76 -5.25 -17.54
N LYS A 5 -11.16 -4.28 -16.71
CA LYS A 5 -10.22 -3.23 -16.29
C LYS A 5 -9.16 -3.80 -15.34
N VAL A 6 -9.58 -4.69 -14.46
CA VAL A 6 -8.65 -5.30 -13.53
C VAL A 6 -7.66 -6.19 -14.29
N ASP A 7 -8.15 -6.98 -15.22
CA ASP A 7 -7.30 -7.85 -16.02
C ASP A 7 -6.30 -7.03 -16.84
N ALA A 8 -6.77 -5.91 -17.40
CA ALA A 8 -5.90 -5.06 -18.21
C ALA A 8 -4.77 -4.45 -17.37
N ALA A 9 -5.10 -3.95 -16.19
CA ALA A 9 -4.10 -3.40 -15.29
C ALA A 9 -3.04 -4.43 -14.91
N ASN A 10 -3.48 -5.66 -14.63
CA ASN A 10 -2.54 -6.71 -14.28
C ASN A 10 -1.76 -7.25 -15.47
N ARG A 11 -2.12 -6.83 -16.68
CA ARG A 11 -1.32 -7.16 -17.86
C ARG A 11 -0.29 -6.08 -18.20
N LEU A 12 -0.26 -4.99 -17.42
CA LEU A 12 0.72 -3.93 -17.68
C LEU A 12 2.12 -4.44 -17.36
N GLY A 13 3.12 -3.93 -18.08
CA GLY A 13 4.51 -4.23 -17.76
C GLY A 13 4.99 -3.36 -16.61
N ASP A 14 4.76 -2.05 -16.73
CA ASP A 14 5.15 -1.08 -15.72
C ASP A 14 4.08 0.01 -15.56
N PRO A 15 3.22 -0.13 -14.55
CA PRO A 15 2.14 0.85 -14.35
C PRO A 15 2.65 2.26 -14.04
N LEU A 16 3.90 2.36 -13.60
CA LEU A 16 4.45 3.67 -13.22
C LEU A 16 5.00 4.41 -14.44
N GLU A 17 5.05 3.70 -15.56
CA GLU A 17 5.55 4.23 -16.81
C GLU A 17 4.80 5.49 -17.28
N ALA A 18 3.51 5.55 -16.96
CA ALA A 18 2.68 6.69 -17.35
C ALA A 18 3.01 7.97 -16.57
N PHE A 19 3.89 7.85 -15.56
CA PHE A 19 4.24 9.00 -14.72
C PHE A 19 5.74 9.07 -14.46
N PRO A 20 6.52 9.30 -15.52
CA PRO A 20 7.98 9.19 -15.39
C PRO A 20 8.60 10.15 -14.37
N VAL A 21 8.03 11.34 -14.21
CA VAL A 21 8.60 12.35 -13.32
C VAL A 21 8.43 11.97 -11.84
N PHE A 22 7.58 10.97 -11.58
CA PHE A 22 7.39 10.51 -10.21
C PHE A 22 8.31 9.34 -9.85
N LYS A 23 9.26 9.04 -10.72
CA LYS A 23 10.18 7.95 -10.46
C LYS A 23 11.38 8.43 -9.66
N LYS A 24 11.40 9.72 -9.33
CA LYS A 24 12.41 10.25 -8.45
C LYS A 24 11.75 11.06 -7.34
N TYR A 25 12.36 11.03 -6.16
CA TYR A 25 11.94 11.86 -5.06
C TYR A 25 13.18 12.46 -4.42
N ASP A 26 13.32 13.77 -4.50
CA ASP A 26 14.53 14.43 -4.02
C ASP A 26 14.15 15.62 -3.16
N ARG A 27 13.63 15.34 -1.97
CA ARG A 27 13.14 16.39 -1.08
C ARG A 27 13.54 16.10 0.35
N ASN A 28 13.73 17.17 1.12
CA ASN A 28 14.00 17.06 2.55
C ASN A 28 15.21 16.18 2.87
N GLY A 29 16.21 16.22 2.02
CA GLY A 29 17.44 15.47 2.26
C GLY A 29 17.39 14.05 1.73
N LEU A 30 16.25 13.67 1.15
CA LEU A 30 16.10 12.37 0.53
C LEU A 30 16.45 12.42 -0.95
N ASN A 31 17.03 11.35 -1.45
CA ASN A 31 17.27 11.21 -2.87
C ASN A 31 17.02 9.77 -3.25
N VAL A 32 15.79 9.48 -3.67
CA VAL A 32 15.49 8.09 -3.98
C VAL A 32 14.94 7.99 -5.38
N SER A 33 15.10 6.79 -5.96
CA SER A 33 14.46 6.44 -7.21
C SER A 33 13.35 5.47 -6.86
N ILE A 34 12.29 5.49 -7.65
CA ILE A 34 11.12 4.70 -7.35
C ILE A 34 10.82 3.82 -8.54
N GLU A 35 10.61 2.53 -8.26
CA GLU A 35 10.33 1.54 -9.30
C GLU A 35 9.06 0.79 -8.95
N CYS A 36 8.34 0.38 -9.97
CA CYS A 36 7.14 -0.43 -9.75
C CYS A 36 7.33 -1.74 -10.48
N LYS A 37 7.28 -2.85 -9.74
CA LYS A 37 7.56 -4.17 -10.30
C LYS A 37 6.69 -5.23 -9.68
N ARG A 38 6.36 -6.24 -10.48
CA ARG A 38 5.81 -7.47 -9.92
C ARG A 38 6.80 -8.14 -8.99
N VAL A 39 6.28 -8.88 -8.02
CA VAL A 39 7.13 -9.55 -7.07
C VAL A 39 8.12 -10.47 -7.81
N SER A 40 7.72 -10.96 -8.99
CA SER A 40 8.59 -11.81 -9.79
C SER A 40 9.82 -11.08 -10.33
N GLY A 41 9.78 -9.76 -10.33
CA GLY A 41 10.87 -8.95 -10.86
C GLY A 41 11.80 -8.43 -9.78
N LEU A 42 11.57 -8.87 -8.54
CA LEU A 42 12.44 -8.51 -7.43
C LEU A 42 13.41 -9.63 -7.11
N GLU A 43 14.61 -9.28 -6.67
CA GLU A 43 15.51 -10.27 -6.11
C GLU A 43 14.94 -10.77 -4.78
N PRO A 44 15.16 -12.05 -4.47
CA PRO A 44 14.66 -12.61 -3.19
C PRO A 44 15.04 -11.80 -1.95
N ALA A 45 16.24 -11.21 -1.94
CA ALA A 45 16.67 -10.39 -0.79
C ALA A 45 15.78 -9.17 -0.60
N THR A 46 15.24 -8.65 -1.70
CA THR A 46 14.39 -7.49 -1.64
C THR A 46 13.03 -7.87 -1.06
N VAL A 47 12.53 -9.02 -1.46
CA VAL A 47 11.28 -9.53 -0.91
C VAL A 47 11.43 -9.79 0.59
N ASP A 48 12.54 -10.42 0.97
CA ASP A 48 12.83 -10.67 2.37
C ASP A 48 12.91 -9.36 3.17
N TRP A 49 13.57 -8.36 2.61
CA TRP A 49 13.71 -7.06 3.23
C TRP A 49 12.34 -6.45 3.52
N ALA A 50 11.44 -6.53 2.54
CA ALA A 50 10.11 -5.96 2.64
C ALA A 50 9.30 -6.66 3.72
N PHE A 51 9.32 -7.98 3.71
CA PHE A 51 8.69 -8.73 4.78
C PHE A 51 9.29 -8.37 6.16
N ASP A 52 10.62 -8.37 6.27
CA ASP A 52 11.27 -8.12 7.55
C ASP A 52 10.89 -6.74 8.10
N LEU A 53 10.83 -5.75 7.21
CA LEU A 53 10.46 -4.39 7.59
C LEU A 53 9.01 -4.32 8.07
N THR A 54 8.10 -4.99 7.36
CA THR A 54 6.70 -5.03 7.76
C THR A 54 6.55 -5.67 9.15
N LYS A 55 7.28 -6.76 9.37
CA LYS A 55 7.22 -7.46 10.65
C LYS A 55 7.76 -6.57 11.76
N THR A 56 8.92 -5.97 11.52
CA THR A 56 9.49 -5.04 12.48
C THR A 56 8.51 -3.93 12.83
N ASN A 57 7.88 -3.35 11.80
CA ASN A 57 6.97 -2.22 11.99
C ASN A 57 5.60 -2.59 12.56
N MET A 58 5.09 -3.78 12.24
CA MET A 58 3.66 -4.04 12.42
C MET A 58 3.29 -5.20 13.35
N GLN A 59 4.25 -6.07 13.70
CA GLN A 59 3.94 -7.28 14.43
C GLN A 59 3.19 -6.99 15.73
N THR A 60 3.69 -6.05 16.52
CA THR A 60 3.08 -5.74 17.79
C THR A 60 1.64 -5.26 17.60
N MET A 61 1.40 -4.44 16.59
CA MET A 61 0.05 -3.95 16.34
C MET A 61 -0.90 -5.08 15.93
N TYR A 62 -0.45 -5.97 15.05
CA TYR A 62 -1.24 -7.12 14.67
C TYR A 62 -1.60 -7.99 15.88
N GLU A 63 -0.63 -8.19 16.76
CA GLU A 63 -0.86 -9.01 17.95
C GLU A 63 -1.98 -8.43 18.84
N GLN A 64 -2.15 -7.12 18.86
CA GLN A 64 -3.21 -6.53 19.69
C GLN A 64 -4.51 -6.37 18.90
N SER A 65 -4.56 -6.95 17.71
CA SER A 65 -5.75 -6.86 16.88
C SER A 65 -6.53 -8.16 16.84
N GLU A 66 -7.69 -8.13 16.18
CA GLU A 66 -8.55 -9.30 16.09
C GLU A 66 -7.93 -10.37 15.18
N TRP A 67 -6.89 -10.00 14.44
CA TRP A 67 -6.27 -10.90 13.46
C TRP A 67 -5.08 -11.66 14.02
N GLY A 68 -4.34 -11.03 14.93
CA GLY A 68 -3.08 -11.55 15.41
C GLY A 68 -2.01 -11.38 14.33
N TRP A 69 -0.77 -11.74 14.65
CA TRP A 69 0.29 -11.70 13.66
C TRP A 69 0.50 -13.11 13.14
N LYS A 70 0.27 -13.28 11.86
CA LYS A 70 0.38 -14.58 11.22
C LYS A 70 1.61 -14.59 10.32
N ASP A 71 2.71 -15.12 10.84
CA ASP A 71 4.00 -14.98 10.18
C ASP A 71 4.05 -15.61 8.77
N ARG A 72 3.69 -16.88 8.69
CA ARG A 72 3.67 -17.58 7.40
C ARG A 72 2.65 -16.92 6.47
N GLU A 73 1.51 -16.55 7.01
CA GLU A 73 0.43 -16.00 6.19
C GLU A 73 0.79 -14.63 5.62
N LYS A 74 1.53 -13.85 6.38
CA LYS A 74 1.95 -12.55 5.87
C LYS A 74 3.00 -12.71 4.77
N ARG A 75 3.91 -13.66 4.96
CA ARG A 75 4.93 -13.90 3.95
C ARG A 75 4.29 -14.39 2.65
N GLU A 76 3.27 -15.23 2.76
CA GLU A 76 2.60 -15.76 1.57
C GLU A 76 1.82 -14.67 0.84
N GLU A 77 1.18 -13.77 1.60
CA GLU A 77 0.48 -12.62 1.02
C GLU A 77 1.44 -11.74 0.22
N MET A 78 2.62 -11.51 0.79
CA MET A 78 3.58 -10.61 0.18
C MET A 78 4.36 -11.21 -0.97
N THR A 79 4.27 -12.53 -1.14
CA THR A 79 4.99 -13.21 -2.20
C THR A 79 4.06 -13.75 -3.27
N ASP A 80 2.77 -13.45 -3.14
CA ASP A 80 1.77 -13.88 -4.12
C ASP A 80 2.08 -13.33 -5.52
N ASP A 81 1.84 -14.17 -6.52
CA ASP A 81 2.07 -13.82 -7.93
C ASP A 81 1.34 -12.57 -8.40
N ARG A 82 0.24 -12.21 -7.73
CA ARG A 82 -0.54 -11.05 -8.12
C ARG A 82 -0.07 -9.74 -7.49
N ALA A 83 0.94 -9.83 -6.63
CA ALA A 83 1.44 -8.68 -5.90
C ALA A 83 2.22 -7.74 -6.80
N TRP A 84 1.97 -6.44 -6.64
CA TRP A 84 2.80 -5.38 -7.20
C TRP A 84 3.58 -4.68 -6.09
N TYR A 85 4.81 -4.26 -6.39
CA TYR A 85 5.58 -3.49 -5.41
C TYR A 85 6.00 -2.15 -5.98
N LEU A 86 5.82 -1.13 -5.16
CA LEU A 86 6.44 0.17 -5.38
C LEU A 86 7.65 0.21 -4.46
N ILE A 87 8.86 0.39 -4.97
CA ILE A 87 10.01 0.40 -4.06
C ILE A 87 10.83 1.66 -4.25
N ALA A 88 11.19 2.29 -3.14
CA ALA A 88 12.06 3.46 -3.15
C ALA A 88 13.49 3.06 -2.80
N TRP A 89 14.42 3.38 -3.69
CA TRP A 89 15.83 3.00 -3.56
C TRP A 89 16.71 4.18 -3.28
N GLU A 90 17.56 4.06 -2.27
CA GLU A 90 18.54 5.08 -1.95
C GLU A 90 19.92 4.63 -2.45
N ASN A 91 20.71 5.58 -2.94
CA ASN A 91 22.07 5.29 -3.40
C ASN A 91 22.13 4.14 -4.42
N SER A 92 21.07 3.99 -5.22
CA SER A 92 20.97 2.99 -6.29
C SER A 92 21.09 1.53 -5.81
N SER A 93 21.09 1.34 -4.51
CA SER A 93 21.50 0.09 -3.88
C SER A 93 20.51 -0.40 -2.82
N VAL A 94 20.14 0.52 -1.94
CA VAL A 94 19.46 0.21 -0.69
C VAL A 94 17.98 0.53 -0.70
N PRO A 95 17.12 -0.49 -0.53
CA PRO A 95 15.69 -0.21 -0.44
C PRO A 95 15.33 0.41 0.92
N VAL A 96 14.52 1.47 0.91
CA VAL A 96 14.22 2.18 2.16
C VAL A 96 12.73 2.34 2.39
N ALA A 97 11.91 2.03 1.38
CA ALA A 97 10.47 2.13 1.54
C ALA A 97 9.78 1.34 0.47
N PHE A 98 8.59 0.85 0.76
CA PHE A 98 7.84 0.13 -0.26
C PHE A 98 6.34 0.21 -0.02
N SER A 99 5.59 -0.04 -1.08
CA SER A 99 4.18 -0.32 -0.97
C SER A 99 3.90 -1.59 -1.74
N HIS A 100 3.12 -2.49 -1.14
CA HIS A 100 2.67 -3.69 -1.81
C HIS A 100 1.20 -3.50 -2.11
N PHE A 101 0.83 -3.66 -3.38
CA PHE A 101 -0.55 -3.38 -3.74
C PHE A 101 -1.00 -4.35 -4.81
N ARG A 102 -2.30 -4.37 -5.07
CA ARG A 102 -2.86 -5.19 -6.13
C ARG A 102 -4.00 -4.48 -6.84
N PHE A 103 -4.23 -4.85 -8.09
CA PHE A 103 -5.44 -4.43 -8.78
C PHE A 103 -6.39 -5.59 -8.58
N ASP A 104 -7.58 -5.33 -8.08
CA ASP A 104 -8.48 -6.42 -7.68
C ASP A 104 -9.93 -5.96 -7.78
N VAL A 105 -10.84 -6.89 -7.56
CA VAL A 105 -12.24 -6.56 -7.37
C VAL A 105 -12.54 -6.62 -5.86
N GLU A 106 -12.88 -5.47 -5.28
CA GLU A 106 -13.23 -5.33 -3.85
C GLU A 106 -14.61 -4.68 -3.67
N CYS A 107 -15.49 -5.29 -2.86
CA CYS A 107 -16.95 -5.00 -2.78
C CYS A 107 -17.48 -4.64 -4.16
N GLY A 108 -17.13 -5.46 -5.14
CA GLY A 108 -17.74 -5.39 -6.46
C GLY A 108 -17.19 -4.33 -7.39
N ASP A 109 -16.16 -3.59 -6.94
CA ASP A 109 -15.55 -2.52 -7.73
C ASP A 109 -14.14 -2.85 -8.15
N GLU A 110 -13.71 -2.31 -9.29
CA GLU A 110 -12.31 -2.39 -9.66
C GLU A 110 -11.51 -1.44 -8.76
N VAL A 111 -10.60 -1.98 -7.97
CA VAL A 111 -9.87 -1.11 -7.06
C VAL A 111 -8.38 -1.43 -7.02
N LEU A 112 -7.60 -0.42 -6.66
CA LEU A 112 -6.22 -0.65 -6.29
C LEU A 112 -6.19 -0.80 -4.78
N TYR A 113 -5.86 -2.00 -4.31
CA TYR A 113 -5.82 -2.24 -2.87
C TYR A 113 -4.40 -2.19 -2.38
N CYS A 114 -4.15 -1.36 -1.37
CA CYS A 114 -2.80 -1.21 -0.82
C CYS A 114 -2.69 -2.06 0.45
N TYR A 115 -1.92 -3.13 0.38
CA TYR A 115 -1.73 -4.02 1.53
C TYR A 115 -0.83 -3.43 2.59
N GLU A 116 0.25 -2.80 2.14
CA GLU A 116 1.29 -2.29 3.04
C GLU A 116 1.87 -1.02 2.45
N VAL A 117 2.12 -0.02 3.30
CA VAL A 117 3.11 1.00 2.94
C VAL A 117 4.03 1.11 4.15
N GLN A 118 5.33 0.90 3.91
CA GLN A 118 6.29 0.76 5.01
C GLN A 118 7.57 1.47 4.69
N LEU A 119 8.04 2.27 5.65
CA LEU A 119 9.27 3.03 5.51
C LEU A 119 10.25 2.65 6.60
N GLU A 120 11.54 2.59 6.23
CA GLU A 120 12.59 2.51 7.24
C GLU A 120 12.48 3.73 8.15
N SER A 121 12.79 3.54 9.44
CA SER A 121 12.68 4.61 10.41
C SER A 121 13.41 5.89 9.96
N LYS A 122 14.59 5.72 9.38
CA LYS A 122 15.47 6.84 9.02
C LYS A 122 14.94 7.73 7.89
N VAL A 123 13.95 7.27 7.13
CA VAL A 123 13.44 8.08 6.02
C VAL A 123 12.01 8.58 6.24
N ARG A 124 11.49 8.41 7.46
CA ARG A 124 10.14 8.86 7.78
C ARG A 124 10.03 10.37 8.02
N ARG A 125 8.82 10.86 7.85
CA ARG A 125 8.47 12.28 8.05
C ARG A 125 9.26 13.20 7.13
N LYS A 126 9.47 12.76 5.89
CA LYS A 126 10.14 13.59 4.91
C LYS A 126 9.31 13.66 3.64
N GLY A 127 8.06 13.22 3.75
CA GLY A 127 7.12 13.31 2.64
C GLY A 127 7.10 12.11 1.71
N LEU A 128 7.99 11.14 1.94
CA LEU A 128 8.10 10.01 1.03
C LEU A 128 6.86 9.09 1.10
N GLY A 129 6.30 8.92 2.29
CA GLY A 129 5.14 8.06 2.46
C GLY A 129 3.94 8.64 1.71
N LYS A 130 3.73 9.94 1.88
CA LYS A 130 2.66 10.62 1.16
C LYS A 130 2.88 10.48 -0.34
N PHE A 131 4.15 10.61 -0.76
CA PHE A 131 4.51 10.51 -2.18
C PHE A 131 4.18 9.13 -2.74
N LEU A 132 4.45 8.07 -1.99
CA LEU A 132 4.13 6.72 -2.46
C LEU A 132 2.62 6.52 -2.62
N ILE A 133 1.84 7.02 -1.66
CA ILE A 133 0.38 6.88 -1.77
C ILE A 133 -0.15 7.74 -2.93
N GLN A 134 0.44 8.92 -3.12
CA GLN A 134 0.12 9.74 -4.30
C GLN A 134 0.32 8.92 -5.57
N ILE A 135 1.40 8.16 -5.61
CA ILE A 135 1.71 7.39 -6.81
C ILE A 135 0.66 6.30 -7.02
N LEU A 136 0.27 5.63 -5.95
CA LEU A 136 -0.83 4.68 -6.04
C LEU A 136 -2.09 5.34 -6.63
N GLN A 137 -2.39 6.55 -6.19
CA GLN A 137 -3.58 7.23 -6.70
C GLN A 137 -3.46 7.59 -8.18
N LEU A 138 -2.25 7.95 -8.63
CA LEU A 138 -2.00 8.18 -10.04
C LEU A 138 -2.26 6.92 -10.86
N MET A 139 -1.76 5.79 -10.38
CA MET A 139 -1.90 4.52 -11.09
C MET A 139 -3.34 4.06 -11.10
N ALA A 140 -4.05 4.28 -10.02
CA ALA A 140 -5.50 4.02 -9.97
C ALA A 140 -6.22 4.81 -11.09
N ASN A 141 -5.87 6.08 -11.26
CA ASN A 141 -6.45 6.91 -12.32
C ASN A 141 -6.14 6.38 -13.72
N SER A 142 -4.88 6.08 -13.99
CA SER A 142 -4.48 5.73 -15.35
C SER A 142 -4.99 4.35 -15.76
N THR A 143 -5.36 3.52 -14.77
CA THR A 143 -5.92 2.19 -15.06
C THR A 143 -7.45 2.17 -14.88
N GLN A 144 -8.00 3.33 -14.55
CA GLN A 144 -9.43 3.53 -14.30
C GLN A 144 -9.99 2.58 -13.23
N MET A 145 -9.21 2.37 -12.18
CA MET A 145 -9.75 1.83 -10.93
C MET A 145 -10.72 2.86 -10.33
N LYS A 146 -11.69 2.40 -9.55
CA LYS A 146 -12.65 3.35 -8.98
C LYS A 146 -12.18 3.93 -7.65
N LYS A 147 -11.30 3.23 -6.95
CA LYS A 147 -10.77 3.70 -5.66
C LYS A 147 -9.40 3.17 -5.38
N VAL A 148 -8.68 3.83 -4.49
CA VAL A 148 -7.58 3.21 -3.76
C VAL A 148 -8.11 2.86 -2.38
N MET A 149 -7.94 1.62 -1.96
CA MET A 149 -8.46 1.16 -0.67
C MET A 149 -7.35 0.58 0.21
N LEU A 150 -7.51 0.70 1.52
CA LEU A 150 -6.56 0.10 2.45
C LEU A 150 -7.17 -0.05 3.85
N THR A 151 -6.48 -0.74 4.73
CA THR A 151 -6.96 -0.94 6.09
C THR A 151 -5.93 -0.37 7.04
N VAL A 152 -6.40 0.32 8.08
CA VAL A 152 -5.50 0.89 9.07
C VAL A 152 -5.99 0.55 10.47
N PHE A 153 -5.05 0.27 11.38
CA PHE A 153 -5.38 0.06 12.77
C PHE A 153 -5.59 1.42 13.44
N LYS A 154 -6.69 1.54 14.17
CA LYS A 154 -6.99 2.80 14.83
C LYS A 154 -5.97 3.11 15.92
N HIS A 155 -5.36 2.08 16.51
CA HIS A 155 -4.33 2.29 17.53
C HIS A 155 -3.04 2.85 16.91
N ASN A 156 -2.93 2.74 15.60
CA ASN A 156 -1.80 3.31 14.89
C ASN A 156 -2.08 4.78 14.59
N HIS A 157 -2.08 5.60 15.63
CA HIS A 157 -2.55 6.99 15.55
C HIS A 157 -1.84 7.80 14.46
N GLY A 158 -0.53 7.58 14.31
CA GLY A 158 0.22 8.29 13.29
C GLY A 158 -0.23 7.95 11.88
N ALA A 159 -0.29 6.66 11.58
CA ALA A 159 -0.73 6.21 10.26
C ALA A 159 -2.18 6.62 10.02
N TYR A 160 -2.99 6.59 11.08
CA TYR A 160 -4.39 6.99 10.95
C TYR A 160 -4.51 8.47 10.54
N GLN A 161 -3.79 9.36 11.21
CA GLN A 161 -3.77 10.78 10.83
C GLN A 161 -3.17 10.99 9.45
N PHE A 162 -2.10 10.26 9.14
CA PHE A 162 -1.49 10.24 7.81
C PHE A 162 -2.55 10.01 6.72
N PHE A 163 -3.33 8.95 6.85
CA PHE A 163 -4.33 8.65 5.84
C PHE A 163 -5.57 9.53 5.87
N ARG A 164 -6.14 9.75 7.06
CA ARG A 164 -7.40 10.46 7.17
C ARG A 164 -7.26 11.95 6.96
N GLU A 165 -6.19 12.51 7.50
CA GLU A 165 -6.00 13.95 7.44
C GLU A 165 -5.06 14.38 6.31
N ALA A 166 -3.82 13.90 6.33
CA ALA A 166 -2.86 14.36 5.34
C ALA A 166 -3.27 13.96 3.92
N LEU A 167 -3.83 12.76 3.78
CA LEU A 167 -4.19 12.29 2.45
C LEU A 167 -5.71 12.35 2.20
N GLN A 168 -6.48 12.76 3.21
CA GLN A 168 -7.92 12.93 3.11
C GLN A 168 -8.62 11.65 2.62
N PHE A 169 -8.20 10.51 3.12
CA PHE A 169 -8.97 9.27 2.89
C PHE A 169 -10.26 9.32 3.70
N GLU A 170 -11.32 8.72 3.18
CA GLU A 170 -12.56 8.62 3.91
C GLU A 170 -12.73 7.19 4.39
N ILE A 171 -13.69 6.98 5.30
CA ILE A 171 -14.02 5.63 5.74
C ILE A 171 -14.86 4.98 4.63
N ASP A 172 -14.44 3.80 4.19
CA ASP A 172 -15.11 3.10 3.10
C ASP A 172 -16.42 2.48 3.60
N ASP A 173 -17.37 2.30 2.69
CA ASP A 173 -18.63 1.70 3.04
C ASP A 173 -18.48 0.24 3.49
N SER A 174 -17.35 -0.37 3.15
CA SER A 174 -17.10 -1.75 3.53
C SER A 174 -16.50 -1.85 4.94
N SER A 175 -16.18 -0.71 5.54
CA SER A 175 -15.65 -0.73 6.90
C SER A 175 -16.71 -1.14 7.92
N PRO A 176 -16.41 -2.15 8.76
CA PRO A 176 -17.40 -2.65 9.72
C PRO A 176 -17.92 -1.53 10.62
N SER A 177 -19.23 -1.47 10.85
CA SER A 177 -19.79 -0.38 11.63
C SER A 177 -19.47 -0.51 13.11
N MET A 178 -19.84 0.51 13.90
CA MET A 178 -19.72 0.46 15.35
C MET A 178 -20.48 -0.74 15.90
N SER A 179 -19.90 -1.38 16.92
CA SER A 179 -20.37 -2.66 17.45
C SER A 179 -20.30 -3.76 16.36
N GLY A 180 -19.36 -3.62 15.43
CA GLY A 180 -19.27 -4.49 14.27
C GLY A 180 -18.37 -5.70 14.42
N CYS A 181 -17.51 -5.70 15.42
CA CYS A 181 -16.64 -6.82 15.71
C CYS A 181 -17.01 -7.50 17.02
N CYS A 182 -17.81 -8.56 16.94
CA CYS A 182 -18.24 -9.31 18.12
C CYS A 182 -18.91 -8.40 19.14
N GLY A 183 -19.75 -7.49 18.65
CA GLY A 183 -20.52 -6.60 19.50
C GLY A 183 -19.80 -5.34 19.91
N GLU A 184 -18.57 -5.16 19.44
CA GLU A 184 -17.79 -3.98 19.76
C GLU A 184 -17.13 -3.38 18.52
N ASP A 185 -16.59 -2.18 18.66
CA ASP A 185 -15.89 -1.53 17.56
C ASP A 185 -14.68 -2.37 17.17
N CYS A 186 -14.49 -2.56 15.86
CA CYS A 186 -13.29 -3.20 15.35
C CYS A 186 -12.06 -2.33 15.65
N SER A 187 -10.90 -2.95 15.77
CA SER A 187 -9.67 -2.19 16.01
C SER A 187 -9.17 -1.52 14.73
N TYR A 188 -9.80 -1.83 13.61
CA TYR A 188 -9.34 -1.31 12.32
C TYR A 188 -10.45 -0.60 11.55
N GLU A 189 -10.07 0.23 10.59
CA GLU A 189 -11.00 0.83 9.65
C GLU A 189 -10.54 0.58 8.24
N ILE A 190 -11.48 0.37 7.34
CA ILE A 190 -11.16 0.28 5.92
C ILE A 190 -11.36 1.65 5.32
N LEU A 191 -10.32 2.19 4.70
CA LEU A 191 -10.34 3.56 4.18
C LEU A 191 -10.25 3.55 2.67
N SER A 192 -10.74 4.60 2.02
CA SER A 192 -10.61 4.68 0.58
C SER A 192 -10.62 6.11 0.07
N ARG A 193 -10.12 6.26 -1.16
CA ARG A 193 -10.26 7.51 -1.90
C ARG A 193 -10.71 7.20 -3.31
N ARG A 194 -11.80 7.81 -3.73
CA ARG A 194 -12.31 7.51 -5.06
C ARG A 194 -11.45 8.22 -6.07
N THR A 195 -11.26 7.59 -7.21
CA THR A 195 -10.62 8.26 -8.33
C THR A 195 -11.59 9.29 -8.88
N LYS A 196 -11.05 10.40 -9.38
CA LYS A 196 -11.87 11.46 -9.96
C LYS A 196 -11.85 11.32 -11.46
N PHE A 197 -13.03 11.45 -12.06
CA PHE A 197 -13.16 11.33 -13.49
C PHE A 197 -14.39 12.08 -14.01
#